data_1XV6
#
_entry.id   1XV6
#
_entity_poly.entity_id   1
_entity_poly.type   'polyribonucleotide'
_entity_poly.pdbx_seq_one_letter_code
;(C2L)(G2L)(C2L)(G2L)(A2L)(A2L)(U2L)(U2L)(C2L)(G2L)(C2L)(G2L)
;
_entity_poly.pdbx_strand_id   A
#